data_8XXK
#
_entry.id   8XXK
#
_cell.length_a   61.852
_cell.length_b   69.448
_cell.length_c   88.884
_cell.angle_alpha   90.000
_cell.angle_beta   90.000
_cell.angle_gamma   90.000
#
_symmetry.space_group_name_H-M   'P 21 21 21'
#
loop_
_entity.id
_entity.type
_entity.pdbx_description
1 polymer "DNA (5'-D(*AP*GP*CP*GP*TP*CP*CP*A)-3')"
2 polymer "DNA (5'-D(*GP*GP*TP*AP*GP*AP*CP*CP*TP*GP*GP*AP*CP*GP*C)-3')"
3 polymer 'N-glycosylase/DNA lyase'
4 polymer "DNA (5'-D(P*GP*TP*CP*TP*AP*CP*C)-3')"
5 non-polymer '[(2~{R},3~{S},5~{S})-5-[2-azanyl-6,8-bis(oxidanylidene)-1,7-dihydropurin-9-yl]-2,3,5-tris(oxidanyl)pentyl] dihydrogen phosphate'
6 non-polymer GLYCEROL
7 non-polymer 'MAGNESIUM ION'
8 non-polymer 'SODIUM ION'
9 water water
#
loop_
_entity_poly.entity_id
_entity_poly.type
_entity_poly.pdbx_seq_one_letter_code
_entity_poly.pdbx_strand_id
1 'polydeoxyribonucleotide' (DA)(DG)(DC)(DG)(DT)(DC)(DC)(DA) C
2 'polydeoxyribonucleotide' (DT)(DG)(DG)(DT)(DA)(DG)(DA)(DC)(DC)(DT)(DG)(DG)(DA)(DC)(DG)(DC) D
3 'polypeptide(L)'
;GPGHRTLASTPALWASIPCPRSELRLDLVLPSGQSFRWREQSPAHWSGVLADQVWTLTQTEEQLHCTVYRGDKSQASRPT
PDELEAVRKYFQLDVTLAQLYHHWGSVDSHFQEVAQKFQGVRLLRQDPIECLFSFICSSNNNIARITGMVERLCQAFGPR
LIQLDDVTYHGFPSLQALAGPEVEAHLRKLGLGYRARYVSASARAILEEQGGLAWLQQLRESSYEEAHKALCILPGVGTH
VADCICLMALDKPQAVPVDVHMWHIAQRDYSWHPTTSQAKGPSPQTNKELGNFFRSLWGPYAGWAQAVLFSADLRQSRHA
QEPPAKRRKGSKGPEG
;
A
4 'polydeoxyribonucleotide' (DG)(DT)(DC)(DT)(DA)(DC)(DC) G
#
loop_
_chem_comp.id
_chem_comp.type
_chem_comp.name
_chem_comp.formula
A1LXK non-polymer '[(2~{R},3~{S},5~{S})-5-[2-azanyl-6,8-bis(oxidanylidene)-1,7-dihydropurin-9-yl]-2,3,5-tris(oxidanyl)pentyl] dihydrogen phosphate' 'C10 H16 N5 O9 P'
DA DNA linking 2'-DEOXYADENOSINE-5'-MONOPHOSPHATE 'C10 H14 N5 O6 P'
DC DNA linking 2'-DEOXYCYTIDINE-5'-MONOPHOSPHATE 'C9 H14 N3 O7 P'
DG DNA linking 2'-DEOXYGUANOSINE-5'-MONOPHOSPHATE 'C10 H14 N5 O7 P'
DT DNA linking THYMIDINE-5'-MONOPHOSPHATE 'C10 H15 N2 O8 P'
GOL non-polymer GLYCEROL 'C3 H8 O3'
MG non-polymer 'MAGNESIUM ION' 'Mg 2'
NA non-polymer 'SODIUM ION' 'Na 1'
#
# COMPACT_ATOMS: atom_id res chain seq x y z
N GLY C 1 22.78 12.80 10.68
CA GLY C 1 22.84 11.43 11.15
C GLY C 1 23.65 10.47 10.26
N PRO C 2 23.94 9.27 10.79
CA PRO C 2 24.73 8.27 10.02
C PRO C 2 24.17 8.08 8.62
N GLY C 3 24.93 7.48 7.72
CA GLY C 3 24.50 7.43 6.35
C GLY C 3 23.46 6.33 6.11
N HIS C 4 22.61 6.57 5.09
CA HIS C 4 21.86 5.47 4.49
C HIS C 4 22.85 4.45 3.92
N ARG C 5 22.61 3.18 4.19
CA ARG C 5 23.53 2.10 3.86
C ARG C 5 23.33 1.61 2.44
N THR C 6 24.44 1.16 1.82
CA THR C 6 24.31 0.32 0.63
C THR C 6 24.92 -1.05 0.84
N LEU C 7 24.38 -2.02 0.10
CA LEU C 7 24.75 -3.42 0.31
C LEU C 7 26.24 -3.65 0.00
N ALA C 8 26.72 -3.04 -1.08
CA ALA C 8 28.08 -3.31 -1.49
C ALA C 8 29.07 -2.69 -0.54
N SER C 9 28.71 -1.60 0.13
CA SER C 9 29.63 -0.85 1.00
C SER C 9 29.65 -1.37 2.43
N THR C 10 28.53 -1.93 2.91
CA THR C 10 28.44 -2.38 4.31
C THR C 10 27.92 -3.82 4.40
N PRO C 11 28.53 -4.76 3.68
CA PRO C 11 27.91 -6.09 3.62
C PRO C 11 27.69 -6.74 4.98
N ALA C 12 28.49 -6.43 5.99
CA ALA C 12 28.34 -7.05 7.31
C ALA C 12 27.02 -6.74 7.94
N LEU C 13 26.37 -5.65 7.51
CA LEU C 13 25.18 -5.17 8.17
C LEU C 13 23.90 -5.64 7.47
N TRP C 14 24.01 -6.51 6.45
CA TRP C 14 22.85 -6.94 5.66
C TRP C 14 22.62 -8.44 5.81
N ALA C 15 21.35 -8.87 5.63
CA ALA C 15 21.05 -10.28 5.54
C ALA C 15 20.02 -10.49 4.44
N SER C 16 19.99 -11.68 3.87
CA SER C 16 19.18 -11.95 2.68
C SER C 16 17.99 -12.83 2.99
N ILE C 17 16.98 -12.65 2.15
CA ILE C 17 15.76 -13.46 2.10
C ILE C 17 15.69 -14.06 0.70
N PRO C 18 15.44 -15.36 0.53
CA PRO C 18 15.30 -15.90 -0.83
C PRO C 18 14.15 -15.25 -1.54
N CYS C 19 14.42 -14.68 -2.68
CA CYS C 19 13.38 -13.94 -3.38
C CYS C 19 13.85 -13.58 -4.78
N PRO C 20 13.48 -14.34 -5.80
CA PRO C 20 13.86 -13.96 -7.16
C PRO C 20 13.15 -12.69 -7.60
N ARG C 21 13.76 -12.02 -8.59
CA ARG C 21 13.13 -10.83 -9.19
C ARG C 21 11.79 -11.16 -9.82
N SER C 22 11.56 -12.40 -10.25
CA SER C 22 10.21 -12.77 -10.71
C SER C 22 9.14 -12.70 -9.60
N GLU C 23 9.54 -12.80 -8.33
CA GLU C 23 8.61 -12.68 -7.24
C GLU C 23 8.48 -11.25 -6.73
N LEU C 24 9.41 -10.36 -7.03
CA LEU C 24 9.32 -9.03 -6.42
C LEU C 24 10.22 -8.08 -7.17
N ARG C 25 9.69 -6.92 -7.60
CA ARG C 25 10.49 -5.82 -8.12
C ARG C 25 10.23 -4.61 -7.23
N LEU C 26 11.19 -4.28 -6.37
CA LEU C 26 10.97 -3.17 -5.44
C LEU C 26 10.62 -1.89 -6.18
N ASP C 27 11.29 -1.63 -7.34
CA ASP C 27 11.06 -0.37 -8.06
C ASP C 27 9.68 -0.31 -8.70
N LEU C 28 8.99 -1.44 -8.80
CA LEU C 28 7.63 -1.44 -9.34
C LEU C 28 6.56 -1.54 -8.26
N VAL C 29 6.94 -1.80 -7.02
CA VAL C 29 6.01 -1.93 -5.92
C VAL C 29 6.04 -0.70 -5.00
N LEU C 30 7.23 -0.34 -4.49
CA LEU C 30 7.30 0.64 -3.42
C LEU C 30 6.94 2.07 -3.81
N PRO C 31 7.11 2.52 -5.05
CA PRO C 31 6.65 3.88 -5.38
C PRO C 31 5.30 3.95 -6.10
N SER C 32 4.56 2.86 -6.14
CA SER C 32 3.41 2.72 -7.02
C SER C 32 2.08 2.97 -6.33
N GLY C 33 2.07 3.60 -5.17
CA GLY C 33 0.82 3.96 -4.57
C GLY C 33 0.18 2.93 -3.67
N GLN C 34 0.95 1.94 -3.19
CA GLN C 34 0.44 1.03 -2.14
C GLN C 34 0.80 1.60 -0.77
N SER C 35 2.12 1.66 -0.51
CA SER C 35 2.67 2.41 0.61
C SER C 35 3.21 3.74 0.09
N PHE C 36 3.11 4.79 0.92
CA PHE C 36 3.64 6.08 0.51
C PHE C 36 4.91 6.42 1.26
N ARG C 37 5.52 5.47 1.95
CA ARG C 37 6.58 5.80 2.90
C ARG C 37 7.95 5.26 2.52
N TRP C 38 8.18 4.90 1.26
CA TRP C 38 9.49 4.44 0.83
C TRP C 38 10.15 5.44 -0.12
N ARG C 39 11.49 5.56 -0.02
CA ARG C 39 12.25 6.46 -0.89
C ARG C 39 13.54 5.78 -1.31
N GLU C 40 13.90 5.98 -2.58
CA GLU C 40 15.14 5.43 -3.16
C GLU C 40 16.29 6.40 -2.85
N GLN C 41 16.77 6.36 -1.59
CA GLN C 41 17.76 7.34 -1.14
C GLN C 41 19.16 7.10 -1.75
N SER C 42 19.45 5.89 -2.20
CA SER C 42 20.62 5.55 -3.01
C SER C 42 20.09 4.77 -4.19
N PRO C 43 20.79 4.78 -5.31
CA PRO C 43 20.32 4.01 -6.46
C PRO C 43 20.07 2.56 -6.09
N ALA C 44 18.86 2.09 -6.41
CA ALA C 44 18.40 0.72 -6.21
C ALA C 44 18.23 0.34 -4.75
N HIS C 45 18.28 1.30 -3.83
CA HIS C 45 18.15 1.03 -2.39
C HIS C 45 16.98 1.81 -1.83
N TRP C 46 16.04 1.11 -1.20
CA TRP C 46 14.79 1.75 -0.79
C TRP C 46 14.71 1.77 0.72
N SER C 47 14.45 2.96 1.32
CA SER C 47 14.46 3.07 2.76
C SER C 47 13.11 3.54 3.23
N GLY C 48 12.71 3.02 4.39
CA GLY C 48 11.40 3.40 4.92
C GLY C 48 11.17 2.68 6.24
N VAL C 49 10.02 2.94 6.85
CA VAL C 49 9.70 2.43 8.18
C VAL C 49 8.86 1.16 8.06
N LEU C 50 9.27 0.11 8.76
CA LEU C 50 8.66 -1.21 8.61
C LEU C 50 8.69 -1.80 9.99
N ALA C 51 7.51 -1.95 10.60
CA ALA C 51 7.40 -2.51 11.94
C ALA C 51 8.18 -1.68 12.97
N ASP C 52 7.89 -0.37 13.03
CA ASP C 52 8.42 0.60 14.01
C ASP C 52 9.92 0.88 13.88
N GLN C 53 10.56 0.47 12.80
CA GLN C 53 12.00 0.66 12.65
C GLN C 53 12.28 1.03 11.21
N VAL C 54 13.42 1.69 10.98
CA VAL C 54 13.84 2.06 9.61
C VAL C 54 14.62 0.91 9.01
N TRP C 55 14.34 0.63 7.75
CA TRP C 55 15.02 -0.44 7.01
C TRP C 55 15.47 0.12 5.70
N THR C 56 16.56 -0.44 5.14
CA THR C 56 16.85 -0.24 3.73
C THR C 56 16.80 -1.61 3.04
N LEU C 57 16.24 -1.64 1.82
CA LEU C 57 16.06 -2.87 1.06
C LEU C 57 16.69 -2.71 -0.30
N THR C 58 17.33 -3.79 -0.79
CA THR C 58 17.83 -3.76 -2.17
C THR C 58 17.82 -5.20 -2.69
N GLN C 59 17.78 -5.39 -4.01
CA GLN C 59 17.67 -6.76 -4.52
C GLN C 59 18.89 -7.14 -5.34
N THR C 60 19.30 -8.41 -5.23
CA THR C 60 20.06 -9.04 -6.32
C THR C 60 19.15 -10.01 -7.05
N GLU C 61 19.69 -10.75 -8.03
CA GLU C 61 18.79 -11.52 -8.89
C GLU C 61 17.92 -12.53 -8.13
N GLU C 62 18.44 -13.11 -7.03
CA GLU C 62 17.74 -14.19 -6.37
C GLU C 62 17.43 -13.92 -4.92
N GLN C 63 17.79 -12.74 -4.40
CA GLN C 63 17.66 -12.43 -2.99
C GLN C 63 17.19 -10.99 -2.78
N LEU C 64 16.36 -10.83 -1.77
CA LEU C 64 16.05 -9.52 -1.21
C LEU C 64 16.99 -9.27 -0.01
N HIS C 65 17.81 -8.23 -0.10
CA HIS C 65 18.75 -7.93 0.99
C HIS C 65 18.20 -6.83 1.84
N CYS C 66 18.34 -6.99 3.17
CA CYS C 66 17.73 -6.08 4.12
C CYS C 66 18.76 -5.61 5.15
N THR C 67 18.57 -4.39 5.65
CA THR C 67 19.39 -3.87 6.74
C THR C 67 18.48 -3.04 7.64
N VAL C 68 18.69 -3.08 8.97
CA VAL C 68 17.79 -2.39 9.88
C VAL C 68 18.59 -1.42 10.73
N TYR C 69 18.02 -0.24 10.97
CA TYR C 69 18.64 0.74 11.84
C TYR C 69 17.81 0.77 13.11
N ARG C 70 18.37 0.25 14.18
CA ARG C 70 17.51 0.01 15.35
C ARG C 70 17.34 1.25 16.20
N GLY C 71 18.35 2.11 16.23
CA GLY C 71 18.21 3.41 16.88
C GLY C 71 17.75 3.32 18.32
N ASP C 72 18.20 2.31 19.04
CA ASP C 72 18.09 2.28 20.50
C ASP C 72 19.49 2.42 21.10
N LYS C 73 20.40 3.05 20.36
CA LYS C 73 21.79 3.16 20.77
C LYS C 73 22.37 1.77 21.06
N SER C 74 22.13 0.83 20.15
CA SER C 74 22.76 -0.48 20.20
C SER C 74 23.82 -0.56 19.11
N GLN C 75 24.67 -1.57 19.18
CA GLN C 75 25.75 -1.67 18.19
C GLN C 75 25.15 -2.13 16.85
N ALA C 76 25.72 -1.64 15.74
CA ALA C 76 25.14 -2.04 14.44
C ALA C 76 25.33 -3.53 14.22
N SER C 77 24.32 -4.20 13.61
CA SER C 77 24.48 -5.60 13.25
C SER C 77 23.45 -5.95 12.19
N ARG C 78 23.70 -7.05 11.50
CA ARG C 78 22.73 -7.47 10.45
C ARG C 78 21.40 -7.82 11.11
N PRO C 79 20.30 -7.75 10.34
CA PRO C 79 19.00 -8.19 10.87
C PRO C 79 19.06 -9.64 11.33
N THR C 80 18.34 -9.93 12.44
CA THR C 80 18.19 -11.29 12.86
C THR C 80 17.10 -12.03 12.07
N PRO C 81 17.08 -13.36 12.17
CA PRO C 81 15.99 -14.09 11.49
C PRO C 81 14.63 -13.62 11.94
N ASP C 82 14.45 -13.34 13.22
CA ASP C 82 13.13 -12.88 13.67
C ASP C 82 12.79 -11.53 13.04
N GLU C 83 13.77 -10.64 12.93
CA GLU C 83 13.50 -9.35 12.28
C GLU C 83 13.14 -9.55 10.82
N LEU C 84 13.88 -10.42 10.13
CA LEU C 84 13.61 -10.63 8.71
C LEU C 84 12.21 -11.17 8.52
N GLU C 85 11.68 -11.87 9.51
CA GLU C 85 10.34 -12.42 9.32
C GLU C 85 9.32 -11.30 9.16
N ALA C 86 9.54 -10.14 9.78
CA ALA C 86 8.64 -9.02 9.52
C ALA C 86 8.68 -8.57 8.06
N VAL C 87 9.87 -8.60 7.44
CA VAL C 87 9.96 -8.15 6.04
C VAL C 87 9.29 -9.19 5.15
N ARG C 88 9.48 -10.48 5.48
CA ARG C 88 8.83 -11.53 4.71
C ARG C 88 7.32 -11.36 4.76
N LYS C 89 6.79 -11.06 5.95
CA LYS C 89 5.33 -10.90 6.09
C LYS C 89 4.82 -9.69 5.37
N TYR C 90 5.58 -8.59 5.41
CA TYR C 90 5.19 -7.37 4.70
C TYR C 90 5.06 -7.59 3.19
N PHE C 91 5.99 -8.36 2.59
CA PHE C 91 5.86 -8.63 1.16
C PHE C 91 5.07 -9.88 0.87
N GLN C 92 4.47 -10.51 1.90
CA GLN C 92 3.61 -11.69 1.71
C GLN C 92 4.28 -12.73 0.85
N LEU C 93 5.55 -13.03 1.16
CA LEU C 93 6.31 -13.87 0.25
C LEU C 93 5.85 -15.33 0.26
N ASP C 94 5.00 -15.74 1.18
CA ASP C 94 4.43 -17.08 1.07
C ASP C 94 3.51 -17.21 -0.13
N VAL C 95 3.03 -16.11 -0.70
CA VAL C 95 2.27 -16.17 -1.96
C VAL C 95 3.24 -16.16 -3.14
N THR C 96 3.07 -17.12 -4.03
CA THR C 96 3.93 -17.28 -5.19
C THR C 96 3.33 -16.53 -6.38
N LEU C 97 3.96 -15.43 -6.73
CA LEU C 97 3.41 -14.51 -7.70
C LEU C 97 3.47 -15.08 -9.12
N ALA C 98 4.49 -15.86 -9.43
CA ALA C 98 4.60 -16.31 -10.82
C ALA C 98 3.40 -17.18 -11.20
N GLN C 99 2.86 -17.91 -10.26
CA GLN C 99 1.68 -18.73 -10.52
C GLN C 99 0.39 -17.90 -10.72
N LEU C 100 0.22 -16.82 -9.93
CA LEU C 100 -0.87 -15.89 -10.21
C LEU C 100 -0.72 -15.26 -11.59
N TYR C 101 0.49 -14.79 -11.91
CA TYR C 101 0.70 -14.18 -13.23
C TYR C 101 0.34 -15.15 -14.35
N HIS C 102 0.69 -16.42 -14.21
CA HIS C 102 0.31 -17.41 -15.23
CA HIS C 102 0.31 -17.37 -15.25
C HIS C 102 -1.21 -17.49 -15.37
N HIS C 103 -1.94 -17.50 -14.24
CA HIS C 103 -3.38 -17.60 -14.30
C HIS C 103 -3.98 -16.34 -14.92
N TRP C 104 -3.62 -15.17 -14.39
CA TRP C 104 -4.19 -13.94 -14.96
C TRP C 104 -3.92 -13.82 -16.46
N GLY C 105 -2.72 -14.21 -16.90
CA GLY C 105 -2.41 -14.04 -18.31
C GLY C 105 -3.13 -15.06 -19.16
N SER C 106 -3.39 -16.24 -18.58
CA SER C 106 -4.12 -17.28 -19.28
CA SER C 106 -4.11 -17.27 -19.31
C SER C 106 -5.55 -16.87 -19.57
N VAL C 107 -6.18 -16.12 -18.66
CA VAL C 107 -7.55 -15.69 -18.89
C VAL C 107 -7.67 -14.33 -19.57
N ASP C 108 -6.56 -13.62 -19.77
CA ASP C 108 -6.63 -12.22 -20.16
C ASP C 108 -5.36 -11.92 -20.95
N SER C 109 -5.46 -11.91 -22.28
CA SER C 109 -4.25 -11.72 -23.07
CA SER C 109 -4.26 -11.70 -23.10
C SER C 109 -3.70 -10.29 -22.95
N HIS C 110 -4.55 -9.32 -22.62
CA HIS C 110 -4.00 -7.98 -22.38
C HIS C 110 -3.13 -8.00 -21.14
N PHE C 111 -3.63 -8.61 -20.05
CA PHE C 111 -2.81 -8.73 -18.84
C PHE C 111 -1.49 -9.39 -19.17
N GLN C 112 -1.54 -10.48 -19.93
CA GLN C 112 -0.31 -11.20 -20.29
C GLN C 112 0.72 -10.28 -20.95
N GLU C 113 0.28 -9.39 -21.87
CA GLU C 113 1.25 -8.52 -22.52
C GLU C 113 1.80 -7.49 -21.56
N VAL C 114 0.97 -6.97 -20.66
CA VAL C 114 1.51 -5.99 -19.73
C VAL C 114 2.47 -6.66 -18.77
N ALA C 115 2.11 -7.85 -18.32
CA ALA C 115 2.85 -8.58 -17.28
C ALA C 115 4.24 -8.95 -17.77
N GLN C 116 4.41 -9.16 -19.08
CA GLN C 116 5.74 -9.42 -19.63
C GLN C 116 6.75 -8.34 -19.23
N LYS C 117 6.32 -7.09 -19.24
CA LYS C 117 7.18 -5.96 -18.94
C LYS C 117 7.20 -5.62 -17.47
N PHE C 118 6.15 -5.94 -16.73
CA PHE C 118 6.00 -5.52 -15.34
C PHE C 118 5.93 -6.76 -14.46
N GLN C 119 7.09 -7.45 -14.33
CA GLN C 119 7.26 -8.62 -13.47
CA GLN C 119 7.12 -8.61 -13.47
C GLN C 119 7.35 -8.21 -12.01
N GLY C 120 6.93 -9.10 -11.11
CA GLY C 120 7.25 -8.89 -9.69
C GLY C 120 6.47 -7.80 -8.99
N VAL C 121 5.27 -7.49 -9.48
CA VAL C 121 4.40 -6.52 -8.80
C VAL C 121 3.54 -7.31 -7.84
N ARG C 122 3.89 -7.30 -6.55
CA ARG C 122 3.02 -7.95 -5.60
C ARG C 122 2.40 -6.95 -4.65
N LEU C 123 1.65 -7.47 -3.72
CA LEU C 123 0.86 -6.67 -2.79
CA LEU C 123 0.88 -6.65 -2.79
C LEU C 123 1.53 -6.69 -1.43
N LEU C 124 1.82 -5.51 -0.88
CA LEU C 124 2.28 -5.44 0.48
C LEU C 124 1.15 -5.75 1.43
N ARG C 125 1.52 -6.24 2.62
CA ARG C 125 0.53 -6.45 3.70
C ARG C 125 0.81 -5.34 4.72
N GLN C 126 -0.04 -4.31 4.76
CA GLN C 126 0.24 -3.09 5.51
C GLN C 126 -0.49 -3.10 6.84
N ASP C 127 0.02 -2.28 7.76
CA ASP C 127 -0.65 -2.02 9.01
C ASP C 127 -1.99 -1.37 8.73
N PRO C 128 -3.08 -1.79 9.41
CA PRO C 128 -4.40 -1.22 9.08
C PRO C 128 -4.53 0.27 9.35
N ILE C 129 -3.93 0.78 10.45
CA ILE C 129 -4.05 2.22 10.74
C ILE C 129 -3.28 3.06 9.72
N GLU C 130 -2.04 2.67 9.41
CA GLU C 130 -1.28 3.41 8.38
C GLU C 130 -2.03 3.37 7.04
N CYS C 131 -2.59 2.22 6.68
CA CYS C 131 -3.26 2.08 5.39
C CYS C 131 -4.55 2.89 5.35
N LEU C 132 -5.35 2.81 6.42
CA LEU C 132 -6.57 3.61 6.49
C LEU C 132 -6.30 5.08 6.30
N PHE C 133 -5.36 5.65 7.06
CA PHE C 133 -5.24 7.09 6.98
C PHE C 133 -4.51 7.53 5.72
N SER C 134 -3.57 6.72 5.22
CA SER C 134 -2.92 7.04 3.94
C SER C 134 -3.94 7.06 2.80
N PHE C 135 -4.86 6.10 2.80
CA PHE C 135 -5.80 6.13 1.70
C PHE C 135 -6.93 7.11 1.90
N ILE C 136 -7.27 7.49 3.14
CA ILE C 136 -8.14 8.65 3.27
C ILE C 136 -7.50 9.88 2.59
N CYS C 137 -6.16 10.01 2.70
CA CYS C 137 -5.46 11.15 2.07
C CYS C 137 -5.39 11.02 0.56
N SER C 138 -5.63 9.81 0.00
CA SER C 138 -5.40 9.59 -1.44
C SER C 138 -6.54 10.06 -2.35
N SER C 139 -7.74 10.31 -1.84
CA SER C 139 -8.90 10.45 -2.72
CA SER C 139 -8.88 10.45 -2.74
C SER C 139 -8.81 11.74 -3.54
N ASN C 140 -9.09 11.65 -4.83
CA ASN C 140 -9.16 12.87 -5.64
C ASN C 140 -7.86 13.67 -5.53
N ASN C 141 -6.76 12.97 -5.82
CA ASN C 141 -5.40 13.46 -5.50
C ASN C 141 -4.37 12.65 -6.29
N ASN C 142 -3.12 13.13 -6.32
CA ASN C 142 -2.07 12.43 -7.08
C ASN C 142 -1.00 11.88 -6.16
N ILE C 143 -0.35 10.79 -6.56
CA ILE C 143 0.58 10.08 -5.68
C ILE C 143 1.69 11.00 -5.15
N ALA C 144 2.25 11.89 -5.99
CA ALA C 144 3.29 12.76 -5.45
C ALA C 144 2.75 13.63 -4.31
N ARG C 145 1.56 14.22 -4.48
CA ARG C 145 1.05 15.08 -3.42
C ARG C 145 0.66 14.24 -2.19
N ILE C 146 0.05 13.05 -2.40
CA ILE C 146 -0.31 12.19 -1.25
C ILE C 146 0.92 11.84 -0.45
N THR C 147 2.02 11.53 -1.15
CA THR C 147 3.25 11.16 -0.48
C THR C 147 3.71 12.27 0.46
N GLY C 148 3.68 13.51 -0.02
CA GLY C 148 4.05 14.63 0.84
C GLY C 148 3.08 14.80 1.99
N MET C 149 1.76 14.70 1.72
CA MET C 149 0.83 14.72 2.89
C MET C 149 1.09 13.67 3.93
N VAL C 150 1.37 12.43 3.52
CA VAL C 150 1.60 11.41 4.52
C VAL C 150 2.90 11.70 5.26
N GLU C 151 3.91 12.15 4.54
CA GLU C 151 5.17 12.49 5.22
C GLU C 151 4.94 13.55 6.30
N ARG C 152 4.26 14.63 5.95
CA ARG C 152 4.10 15.74 6.90
C ARG C 152 3.20 15.32 8.05
N LEU C 153 2.19 14.49 7.78
CA LEU C 153 1.39 13.87 8.86
C LEU C 153 2.25 13.12 9.86
N CYS C 154 3.14 12.27 9.36
CA CYS C 154 3.98 11.52 10.29
C CYS C 154 4.95 12.44 11.01
N GLN C 155 5.50 13.43 10.29
CA GLN C 155 6.46 14.34 10.91
CA GLN C 155 6.47 14.31 10.93
C GLN C 155 5.84 15.07 12.09
N ALA C 156 4.58 15.50 11.94
CA ALA C 156 3.94 16.33 12.95
C ALA C 156 3.35 15.52 14.08
N PHE C 157 2.81 14.31 13.78
CA PHE C 157 2.09 13.55 14.79
C PHE C 157 2.68 12.20 15.15
N GLY C 158 3.70 11.68 14.45
CA GLY C 158 4.21 10.40 14.82
C GLY C 158 5.55 10.50 15.53
N PRO C 159 5.93 9.44 16.24
CA PRO C 159 7.13 9.52 17.12
C PRO C 159 8.37 9.63 16.26
N ARG C 160 9.36 10.42 16.71
CA ARG C 160 10.62 10.49 16.00
C ARG C 160 11.38 9.19 16.15
N LEU C 161 11.93 8.66 15.06
CA LEU C 161 12.66 7.41 15.22
C LEU C 161 14.18 7.62 15.21
N ILE C 162 14.74 8.01 14.06
CA ILE C 162 16.18 8.20 13.88
C ILE C 162 16.36 9.17 12.72
N GLN C 163 17.56 9.70 12.61
CA GLN C 163 17.94 10.54 11.50
C GLN C 163 19.02 9.85 10.70
N LEU C 164 18.82 9.73 9.38
CA LEU C 164 19.83 9.20 8.47
C LEU C 164 20.14 10.28 7.46
N ASP C 165 21.42 10.66 7.34
CA ASP C 165 21.74 11.82 6.48
C ASP C 165 20.84 12.97 6.93
N ASP C 166 20.16 13.64 6.03
CA ASP C 166 19.30 14.77 6.36
C ASP C 166 17.85 14.38 6.56
N VAL C 167 17.54 13.08 6.63
CA VAL C 167 16.15 12.59 6.65
C VAL C 167 15.82 12.13 8.07
N THR C 168 14.84 12.76 8.72
CA THR C 168 14.42 12.31 10.05
C THR C 168 13.18 11.43 9.87
N TYR C 169 13.28 10.16 10.27
CA TYR C 169 12.19 9.21 10.13
C TYR C 169 11.24 9.30 11.33
N HIS C 170 9.93 9.22 11.05
CA HIS C 170 8.95 9.15 12.12
C HIS C 170 8.07 7.91 11.96
N GLY C 171 7.58 7.39 13.05
CA GLY C 171 6.60 6.32 12.95
C GLY C 171 5.26 6.88 12.53
N PHE C 172 4.32 5.98 12.14
CA PHE C 172 3.00 6.47 11.80
C PHE C 172 2.26 6.89 13.08
N PRO C 173 1.44 7.95 13.04
CA PRO C 173 0.71 8.38 14.25
C PRO C 173 -0.27 7.33 14.79
N SER C 174 -0.46 7.37 16.08
CA SER C 174 -1.53 6.63 16.72
C SER C 174 -2.89 7.26 16.47
N LEU C 175 -3.92 6.47 16.76
CA LEU C 175 -5.28 7.00 16.72
C LEU C 175 -5.41 8.22 17.64
N GLN C 176 -4.85 8.10 18.85
CA GLN C 176 -4.99 9.14 19.86
C GLN C 176 -4.31 10.42 19.40
N ALA C 177 -3.16 10.28 18.73
CA ALA C 177 -2.50 11.47 18.22
C ALA C 177 -3.36 12.21 17.20
N LEU C 178 -4.19 11.49 16.41
CA LEU C 178 -4.95 12.14 15.35
C LEU C 178 -6.36 12.56 15.78
N ALA C 179 -6.77 12.25 17.01
CA ALA C 179 -8.17 12.41 17.40
C ALA C 179 -8.52 13.77 18.03
N GLY C 180 -7.53 14.53 18.49
CA GLY C 180 -7.78 15.80 19.17
C GLY C 180 -8.57 16.81 18.35
N PRO C 181 -9.29 17.72 19.01
CA PRO C 181 -10.10 18.73 18.27
C PRO C 181 -9.25 19.81 17.60
N GLU C 182 -7.99 19.90 17.93
CA GLU C 182 -7.05 20.82 17.29
C GLU C 182 -6.36 20.19 16.07
N VAL C 183 -6.52 18.88 15.86
CA VAL C 183 -5.71 18.19 14.85
C VAL C 183 -6.16 18.62 13.45
N GLU C 184 -7.47 18.81 13.25
CA GLU C 184 -7.94 19.17 11.91
C GLU C 184 -7.26 20.46 11.42
N ALA C 185 -7.27 21.50 12.26
CA ALA C 185 -6.70 22.77 11.81
C ALA C 185 -5.21 22.62 11.55
N HIS C 186 -4.52 21.81 12.34
CA HIS C 186 -3.10 21.56 12.12
C HIS C 186 -2.89 20.84 10.78
N LEU C 187 -3.70 19.82 10.51
CA LEU C 187 -3.57 19.13 9.22
C LEU C 187 -3.95 20.04 8.05
N ARG C 188 -4.79 21.05 8.26
CA ARG C 188 -5.05 22.00 7.18
C ARG C 188 -3.82 22.85 6.91
N LYS C 189 -3.10 23.26 7.96
CA LYS C 189 -1.86 24.01 7.74
C LYS C 189 -0.83 23.17 7.03
N LEU C 190 -0.91 21.86 7.17
CA LEU C 190 -0.01 20.95 6.50
C LEU C 190 -0.49 20.61 5.10
N GLY C 191 -1.53 21.28 4.61
CA GLY C 191 -1.94 21.15 3.24
C GLY C 191 -2.72 19.89 2.89
N LEU C 192 -3.41 19.28 3.83
CA LEU C 192 -4.24 18.13 3.49
C LEU C 192 -5.57 18.52 2.91
N GLY C 193 -5.90 19.81 2.85
CA GLY C 193 -7.13 20.19 2.25
C GLY C 193 -8.32 19.65 3.03
N TYR C 194 -9.39 19.40 2.29
CA TYR C 194 -10.64 18.97 2.95
C TYR C 194 -10.52 17.59 3.63
N ARG C 195 -9.45 16.87 3.33
CA ARG C 195 -9.22 15.58 3.94
C ARG C 195 -8.72 15.72 5.37
N ALA C 196 -8.30 16.93 5.79
CA ALA C 196 -7.91 17.12 7.19
C ALA C 196 -9.06 16.74 8.12
N ARG C 197 -10.27 17.15 7.77
CA ARG C 197 -11.41 16.82 8.62
C ARG C 197 -11.66 15.31 8.63
N TYR C 198 -11.46 14.68 7.49
CA TYR C 198 -11.69 13.24 7.39
C TYR C 198 -10.72 12.45 8.26
N VAL C 199 -9.44 12.84 8.28
CA VAL C 199 -8.47 12.11 9.11
C VAL C 199 -8.86 12.24 10.59
N SER C 200 -9.07 13.47 11.06
CA SER C 200 -9.34 13.66 12.49
C SER C 200 -10.68 13.01 12.90
N ALA C 201 -11.73 13.22 12.08
CA ALA C 201 -13.05 12.64 12.36
C ALA C 201 -13.02 11.10 12.33
N SER C 202 -12.23 10.52 11.44
CA SER C 202 -12.15 9.06 11.38
C SER C 202 -11.41 8.50 12.57
N ALA C 203 -10.33 9.17 13.03
CA ALA C 203 -9.66 8.70 14.22
C ALA C 203 -10.61 8.76 15.41
N ARG C 204 -11.38 9.86 15.53
CA ARG C 204 -12.33 9.98 16.64
C ARG C 204 -13.40 8.89 16.56
N ALA C 205 -13.86 8.60 15.34
CA ALA C 205 -14.92 7.62 15.20
C ALA C 205 -14.44 6.26 15.63
N ILE C 206 -13.19 5.91 15.30
CA ILE C 206 -12.75 4.58 15.68
C ILE C 206 -12.63 4.46 17.20
N LEU C 207 -12.10 5.51 17.84
CA LEU C 207 -11.89 5.50 19.29
C LEU C 207 -13.20 5.62 20.05
N GLU C 208 -14.09 6.48 19.60
CA GLU C 208 -15.27 6.83 20.37
C GLU C 208 -16.47 5.96 20.02
N GLU C 209 -16.51 5.40 18.80
CA GLU C 209 -17.72 4.73 18.35
C GLU C 209 -17.53 3.29 17.94
N GLN C 210 -16.31 2.84 17.66
CA GLN C 210 -16.11 1.49 17.14
C GLN C 210 -15.33 0.58 18.07
N GLY C 211 -14.96 1.03 19.27
CA GLY C 211 -14.28 0.12 20.18
C GLY C 211 -12.78 0.19 20.09
N GLY C 212 -12.26 1.20 19.41
CA GLY C 212 -10.83 1.33 19.24
C GLY C 212 -10.15 0.37 18.29
N LEU C 213 -8.86 0.16 18.58
CA LEU C 213 -7.95 -0.48 17.65
C LEU C 213 -8.38 -1.91 17.36
N ALA C 214 -9.07 -2.57 18.31
CA ALA C 214 -9.53 -3.94 18.03
C ALA C 214 -10.51 -4.03 16.86
N TRP C 215 -11.18 -2.94 16.49
CA TRP C 215 -12.13 -3.01 15.40
C TRP C 215 -11.44 -3.39 14.09
N LEU C 216 -10.18 -2.98 13.92
CA LEU C 216 -9.52 -3.27 12.65
C LEU C 216 -9.17 -4.76 12.58
N GLN C 217 -8.83 -5.35 13.73
CA GLN C 217 -8.65 -6.79 13.78
C GLN C 217 -9.96 -7.54 13.52
N GLN C 218 -11.09 -7.08 14.09
CA GLN C 218 -12.39 -7.65 13.72
C GLN C 218 -12.55 -7.67 12.21
N LEU C 219 -12.21 -6.55 11.56
CA LEU C 219 -12.46 -6.47 10.12
C LEU C 219 -11.50 -7.39 9.34
N ARG C 220 -10.26 -7.52 9.81
CA ARG C 220 -9.35 -8.51 9.23
C ARG C 220 -9.95 -9.89 9.27
N GLU C 221 -10.69 -10.20 10.34
CA GLU C 221 -11.25 -11.55 10.52
C GLU C 221 -12.60 -11.71 9.83
N SER C 222 -13.19 -10.62 9.33
CA SER C 222 -14.51 -10.58 8.74
C SER C 222 -14.45 -10.93 7.26
N SER C 223 -15.62 -11.19 6.67
CA SER C 223 -15.61 -11.34 5.22
C SER C 223 -15.25 -10.02 4.52
N TYR C 224 -14.83 -10.14 3.26
CA TYR C 224 -14.66 -8.93 2.44
C TYR C 224 -15.92 -8.04 2.49
N GLU C 225 -17.08 -8.61 2.20
CA GLU C 225 -18.30 -7.82 2.14
C GLU C 225 -18.55 -7.09 3.46
N GLU C 226 -18.38 -7.78 4.59
CA GLU C 226 -18.59 -7.16 5.91
C GLU C 226 -17.55 -6.08 6.22
N ALA C 227 -16.28 -6.33 5.92
CA ALA C 227 -15.26 -5.31 6.18
C ALA C 227 -15.46 -4.09 5.28
N HIS C 228 -15.82 -4.33 4.04
CA HIS C 228 -15.98 -3.22 3.08
C HIS C 228 -17.09 -2.28 3.54
N LYS C 229 -18.23 -2.87 3.91
CA LYS C 229 -19.37 -2.10 4.39
C LYS C 229 -19.03 -1.31 5.64
N ALA C 230 -18.35 -1.97 6.59
CA ALA C 230 -18.09 -1.33 7.87
C ALA C 230 -17.18 -0.12 7.73
N LEU C 231 -16.15 -0.22 6.86
CA LEU C 231 -15.23 0.89 6.71
C LEU C 231 -15.93 2.12 6.20
N CYS C 232 -16.97 1.95 5.36
CA CYS C 232 -17.59 3.10 4.75
C CYS C 232 -18.31 4.00 5.76
N ILE C 233 -18.49 3.57 7.02
CA ILE C 233 -19.03 4.50 8.02
C ILE C 233 -18.08 5.65 8.28
N LEU C 234 -16.79 5.48 7.97
CA LEU C 234 -15.81 6.49 8.35
C LEU C 234 -15.86 7.69 7.39
N PRO C 235 -15.73 8.90 7.92
CA PRO C 235 -15.68 10.09 7.07
C PRO C 235 -14.47 10.08 6.15
N GLY C 236 -14.73 10.22 4.82
CA GLY C 236 -13.66 10.22 3.86
C GLY C 236 -13.44 8.86 3.26
N VAL C 237 -14.09 7.82 3.81
CA VAL C 237 -13.90 6.47 3.27
C VAL C 237 -15.15 6.16 2.49
N GLY C 238 -15.04 6.08 1.17
CA GLY C 238 -16.10 5.55 0.32
C GLY C 238 -15.68 4.21 -0.22
N THR C 239 -16.37 3.78 -1.29
CA THR C 239 -16.15 2.38 -1.68
C THR C 239 -14.72 2.15 -2.17
N HIS C 240 -14.12 3.12 -2.85
CA HIS C 240 -12.72 2.93 -3.32
C HIS C 240 -11.72 2.88 -2.17
N VAL C 241 -11.75 3.86 -1.25
CA VAL C 241 -10.84 3.82 -0.11
C VAL C 241 -11.05 2.53 0.69
N ALA C 242 -12.31 2.14 0.87
CA ALA C 242 -12.57 0.91 1.62
C ALA C 242 -11.96 -0.29 0.91
N ASP C 243 -12.11 -0.37 -0.42
CA ASP C 243 -11.44 -1.47 -1.16
C ASP C 243 -9.93 -1.40 -1.04
N CYS C 244 -9.33 -0.21 -1.09
CA CYS C 244 -7.87 -0.13 -0.90
C CYS C 244 -7.48 -0.74 0.43
N ILE C 245 -8.22 -0.41 1.49
CA ILE C 245 -7.86 -0.92 2.81
C ILE C 245 -8.11 -2.42 2.90
N CYS C 246 -9.23 -2.87 2.36
CA CYS C 246 -9.49 -4.32 2.37
C CYS C 246 -8.37 -5.07 1.68
N LEU C 247 -7.99 -4.65 0.47
CA LEU C 247 -6.97 -5.35 -0.31
C LEU C 247 -5.59 -5.30 0.37
N MET C 248 -5.24 -4.14 0.89
CA MET C 248 -3.84 -3.86 1.25
CA MET C 248 -3.84 -3.90 1.25
C MET C 248 -3.53 -4.06 2.73
N ALA C 249 -4.54 -4.13 3.56
CA ALA C 249 -4.30 -4.29 4.98
C ALA C 249 -5.23 -5.30 5.66
N LEU C 250 -6.41 -5.65 5.11
CA LEU C 250 -7.32 -6.56 5.80
C LEU C 250 -7.40 -7.92 5.10
N ASP C 251 -6.38 -8.27 4.28
CA ASP C 251 -6.27 -9.63 3.71
C ASP C 251 -7.50 -10.06 2.88
N LYS C 252 -8.00 -9.17 2.04
CA LYS C 252 -9.10 -9.44 1.11
C LYS C 252 -8.54 -9.36 -0.31
N PRO C 253 -7.98 -10.45 -0.83
CA PRO C 253 -7.27 -10.37 -2.12
C PRO C 253 -8.20 -10.11 -3.31
N GLN C 254 -9.49 -10.35 -3.14
CA GLN C 254 -10.43 -10.12 -4.23
C GLN C 254 -10.92 -8.68 -4.28
N ALA C 255 -10.60 -7.85 -3.27
CA ALA C 255 -11.03 -6.44 -3.34
C ALA C 255 -10.35 -5.73 -4.53
N VAL C 256 -11.10 -4.98 -5.30
CA VAL C 256 -10.60 -4.31 -6.49
C VAL C 256 -10.88 -2.83 -6.38
N PRO C 257 -9.90 -2.05 -5.99
CA PRO C 257 -10.08 -0.60 -5.95
C PRO C 257 -10.35 -0.09 -7.35
N VAL C 258 -11.31 0.83 -7.48
CA VAL C 258 -11.64 1.39 -8.79
C VAL C 258 -11.51 2.89 -8.66
N ASP C 259 -10.43 3.41 -9.23
CA ASP C 259 -10.07 4.82 -9.27
C ASP C 259 -10.12 5.30 -10.73
N VAL C 260 -9.63 6.51 -10.95
CA VAL C 260 -9.57 7.02 -12.33
C VAL C 260 -8.74 6.09 -13.24
N HIS C 261 -7.63 5.55 -12.73
CA HIS C 261 -6.81 4.67 -13.58
C HIS C 261 -7.59 3.41 -13.97
N MET C 262 -8.22 2.74 -13.00
CA MET C 262 -8.88 1.48 -13.35
C MET C 262 -10.03 1.74 -14.31
N TRP C 263 -10.69 2.90 -14.19
CA TRP C 263 -11.79 3.22 -15.09
C TRP C 263 -11.22 3.46 -16.51
N HIS C 264 -10.11 4.19 -16.61
CA HIS C 264 -9.47 4.40 -17.90
C HIS C 264 -9.01 3.06 -18.50
N ILE C 265 -8.41 2.22 -17.67
CA ILE C 265 -8.00 0.91 -18.13
C ILE C 265 -9.21 0.14 -18.65
N ALA C 266 -10.29 0.12 -17.87
CA ALA C 266 -11.45 -0.67 -18.30
C ALA C 266 -11.93 -0.20 -19.69
N GLN C 267 -11.97 1.12 -19.88
CA GLN C 267 -12.49 1.64 -21.15
C GLN C 267 -11.48 1.40 -22.26
N ARG C 268 -10.21 1.71 -22.01
CA ARG C 268 -9.24 1.71 -23.10
C ARG C 268 -8.73 0.32 -23.45
N ASP C 269 -8.45 -0.50 -22.43
CA ASP C 269 -7.79 -1.78 -22.60
C ASP C 269 -8.75 -2.94 -22.67
N TYR C 270 -10.00 -2.74 -22.22
CA TYR C 270 -11.01 -3.79 -22.23
C TYR C 270 -12.26 -3.42 -23.01
N SER C 271 -12.36 -2.19 -23.50
CA SER C 271 -13.55 -1.71 -24.19
C SER C 271 -14.81 -2.00 -23.37
N TRP C 272 -14.69 -1.83 -22.06
CA TRP C 272 -15.80 -2.19 -21.16
C TRP C 272 -16.81 -1.07 -21.05
N HIS C 273 -18.08 -1.46 -20.99
CA HIS C 273 -19.17 -0.58 -20.54
C HIS C 273 -20.04 -1.34 -19.57
N PRO C 274 -20.61 -0.61 -18.62
CA PRO C 274 -21.52 -1.25 -17.67
C PRO C 274 -22.80 -1.73 -18.36
N THR C 275 -23.31 -2.87 -17.89
CA THR C 275 -24.59 -3.38 -18.40
C THR C 275 -25.69 -3.37 -17.34
N THR C 276 -25.40 -2.86 -16.11
CA THR C 276 -26.42 -2.79 -15.07
C THR C 276 -26.90 -1.37 -14.87
N SER C 277 -26.51 -0.47 -15.77
CA SER C 277 -26.88 0.94 -15.72
C SER C 277 -26.97 1.45 -17.15
N GLN C 278 -28.07 2.16 -17.50
CA GLN C 278 -28.11 2.72 -18.85
C GLN C 278 -27.10 3.86 -18.99
N ALA C 279 -26.99 4.72 -17.98
CA ALA C 279 -25.89 5.72 -17.97
C ALA C 279 -24.57 5.02 -17.68
N LYS C 280 -23.53 5.37 -18.46
CA LYS C 280 -22.31 4.56 -18.42
C LYS C 280 -21.18 5.21 -17.63
N GLY C 281 -21.35 6.47 -17.19
CA GLY C 281 -20.22 7.15 -16.52
C GLY C 281 -20.05 6.63 -15.11
N PRO C 282 -18.97 7.05 -14.46
CA PRO C 282 -18.75 6.62 -13.07
C PRO C 282 -19.94 6.99 -12.18
N SER C 283 -20.34 6.03 -11.35
CA SER C 283 -21.42 6.21 -10.39
C SER C 283 -21.30 5.09 -9.38
N PRO C 284 -22.03 5.16 -8.28
CA PRO C 284 -21.93 4.08 -7.31
C PRO C 284 -22.22 2.73 -7.95
N GLN C 285 -23.27 2.66 -8.78
CA GLN C 285 -23.62 1.41 -9.45
C GLN C 285 -22.55 0.97 -10.43
N THR C 286 -22.05 1.89 -11.29
CA THR C 286 -21.11 1.45 -12.33
C THR C 286 -19.74 1.14 -11.75
N ASN C 287 -19.31 1.88 -10.71
CA ASN C 287 -18.06 1.51 -10.03
C ASN C 287 -18.18 0.15 -9.37
N LYS C 288 -19.34 -0.16 -8.79
CA LYS C 288 -19.53 -1.48 -8.17
C LYS C 288 -19.46 -2.56 -9.25
N GLU C 289 -20.10 -2.30 -10.40
CA GLU C 289 -20.09 -3.28 -11.49
C GLU C 289 -18.69 -3.53 -12.01
N LEU C 290 -17.88 -2.47 -12.07
CA LEU C 290 -16.53 -2.64 -12.64
C LEU C 290 -15.69 -3.52 -11.73
N GLY C 291 -15.83 -3.34 -10.42
CA GLY C 291 -15.07 -4.22 -9.53
C GLY C 291 -15.52 -5.65 -9.68
N ASN C 292 -16.83 -5.86 -9.86
CA ASN C 292 -17.33 -7.22 -10.12
C ASN C 292 -16.83 -7.76 -11.44
N PHE C 293 -16.68 -6.90 -12.46
CA PHE C 293 -16.16 -7.36 -13.74
C PHE C 293 -14.76 -7.90 -13.59
N PHE C 294 -13.89 -7.14 -12.90
CA PHE C 294 -12.51 -7.57 -12.74
C PHE C 294 -12.43 -8.82 -11.91
N ARG C 295 -13.29 -8.98 -10.87
CA ARG C 295 -13.28 -10.24 -10.11
C ARG C 295 -13.71 -11.41 -10.98
N SER C 296 -14.72 -11.22 -11.84
CA SER C 296 -15.14 -12.33 -12.71
CA SER C 296 -15.14 -12.32 -12.70
C SER C 296 -14.06 -12.67 -13.71
N LEU C 297 -13.33 -11.68 -14.14
CA LEU C 297 -12.23 -11.93 -15.11
C LEU C 297 -11.06 -12.64 -14.45
N TRP C 298 -10.51 -12.07 -13.36
CA TRP C 298 -9.24 -12.52 -12.82
C TRP C 298 -9.35 -13.55 -11.70
N GLY C 299 -10.46 -13.65 -11.01
CA GLY C 299 -10.60 -14.66 -9.96
C GLY C 299 -10.36 -14.11 -8.56
N PRO C 300 -10.09 -15.01 -7.61
CA PRO C 300 -10.08 -14.63 -6.19
C PRO C 300 -8.98 -13.69 -5.77
N TYR C 301 -7.92 -13.55 -6.55
CA TYR C 301 -6.86 -12.61 -6.24
C TYR C 301 -6.93 -11.44 -7.23
N ALA C 302 -8.15 -11.07 -7.62
CA ALA C 302 -8.32 -10.01 -8.62
C ALA C 302 -7.71 -8.69 -8.17
N GLY C 303 -7.67 -8.41 -6.86
CA GLY C 303 -7.08 -7.16 -6.41
C GLY C 303 -5.57 -7.14 -6.61
N TRP C 304 -4.95 -8.32 -6.55
CA TRP C 304 -3.52 -8.39 -6.85
C TRP C 304 -3.27 -8.18 -8.33
N ALA C 305 -4.14 -8.72 -9.19
CA ALA C 305 -4.00 -8.41 -10.61
C ALA C 305 -4.15 -6.92 -10.88
N GLN C 306 -5.11 -6.29 -10.20
CA GLN C 306 -5.31 -4.85 -10.31
C GLN C 306 -4.04 -4.09 -9.98
N ALA C 307 -3.27 -4.57 -8.99
CA ALA C 307 -2.07 -3.82 -8.61
C ALA C 307 -1.00 -3.87 -9.69
N VAL C 308 -0.98 -4.97 -10.45
CA VAL C 308 -0.05 -5.07 -11.59
C VAL C 308 -0.40 -4.02 -12.64
N LEU C 309 -1.69 -3.98 -13.04
CA LEU C 309 -2.08 -3.05 -14.11
C LEU C 309 -2.00 -1.63 -13.63
N PHE C 310 -2.34 -1.37 -12.37
CA PHE C 310 -2.22 -0.03 -11.83
C PHE C 310 -0.76 0.44 -11.85
N SER C 311 0.17 -0.42 -11.39
CA SER C 311 1.58 -0.01 -11.39
C SER C 311 2.04 0.32 -12.81
N ALA C 312 1.60 -0.48 -13.79
CA ALA C 312 2.01 -0.28 -15.19
C ALA C 312 1.44 1.01 -15.74
N ASP C 313 0.20 1.32 -15.37
CA ASP C 313 -0.45 2.51 -15.88
C ASP C 313 0.13 3.77 -15.30
N LEU C 314 0.70 3.71 -14.09
CA LEU C 314 1.41 4.89 -13.60
C LEU C 314 2.60 5.22 -14.43
N ARG C 315 3.23 4.20 -15.03
CA ARG C 315 4.42 4.37 -15.87
C ARG C 315 4.07 4.86 -17.26
N GLN C 316 2.99 4.34 -17.85
CA GLN C 316 2.55 4.77 -19.17
C GLN C 316 2.05 6.23 -19.16
P A1LXK E . -2.39 9.62 -9.94
O3P A1LXK E . -2.08 9.34 -11.38
O5' A1LXK E . -3.31 8.41 -9.36
C2' A1LXK E . -5.61 7.75 -5.77
C5' A1LXK E . -3.84 8.55 -8.05
C4' A1LXK E . -5.26 8.00 -8.23
O4' A1LXK E . -5.12 6.61 -8.23
C3' A1LXK E . -6.14 8.40 -7.06
C1' A1LXK E . -5.96 6.24 -5.62
O3' A1LXK E . -7.48 8.08 -7.35
C2 A1LXK E . -5.94 2.12 -7.19
C4 A1LXK E . -5.07 3.96 -6.07
C5 A1LXK E . -4.01 3.18 -5.62
C6 A1LXK E . -3.98 1.82 -5.98
C8 A1LXK E . -3.77 5.22 -4.90
N1 A1LXK E . -4.94 1.32 -6.74
N2 A1LXK E . -6.99 1.60 -8.07
N3 A1LXK E . -6.02 3.37 -6.83
N7 A1LXK E . -3.20 4.00 -4.89
N9 A1LXK E . -4.91 5.23 -5.63
O6 A1LXK E . -2.95 0.97 -5.57
O8 A1LXK E . -3.31 6.34 -4.24
O9' A1LXK E . -6.59 6.10 -4.36
O1P A1LXK E . -1.20 9.76 -9.06
C1 GOL F . 1.53 25.52 -29.10
O1 GOL F . 1.19 25.21 -30.48
C2 GOL F . 0.75 24.52 -28.20
O2 GOL F . -0.20 23.78 -28.98
C3 GOL F . 1.81 23.61 -27.39
O3 GOL F . 2.20 24.17 -26.04
C1 GOL G . -18.20 -5.73 -2.46
O1 GOL G . -18.54 -4.94 -1.31
C2 GOL G . -17.60 -4.79 -3.58
O2 GOL G . -18.54 -4.39 -4.54
C3 GOL G . -17.01 -3.57 -2.87
O3 GOL G . -16.36 -2.76 -3.87
C1 GOL H . -15.84 1.64 -24.16
O1 GOL H . -15.78 2.12 -22.83
C2 GOL H . -15.63 2.84 -25.26
O2 GOL H . -15.28 4.09 -24.76
C3 GOL H . -14.80 2.36 -26.44
O3 GOL H . -14.54 0.89 -26.40
C1 GOL I . -25.20 -6.34 -9.97
O1 GOL I . -25.71 -5.05 -9.89
C2 GOL I . -23.92 -6.27 -9.23
O2 GOL I . -24.09 -5.81 -7.92
C3 GOL I . -23.13 -5.25 -10.13
O3 GOL I . -22.26 -6.01 -10.93
MG MG J . 27.84 0.17 16.03
MG MG K . -17.73 7.25 4.63
NA NA L . -3.34 -5.24 -25.10
#